data_8ETR
#
_entry.id   8ETR
#
_cell.length_a   1.00
_cell.length_b   1.00
_cell.length_c   1.00
_cell.angle_alpha   90.00
_cell.angle_beta   90.00
_cell.angle_gamma   90.00
#
_symmetry.space_group_name_H-M   'P 1'
#
loop_
_entity.id
_entity.type
_entity.pdbx_description
1 polymer 'NACHT, LRR and PYD domains-containing protein 3'
2 non-polymer 'MAGNESIUM ION'
3 non-polymer "ADENOSINE-5'-DIPHOSPHATE"
4 non-polymer (6S,8R)-N-[(1,2,3,5,6,7-hexahydro-s-indacen-4-yl)carbamoyl]-6-(methylamino)-6,7-dihydro-5H-pyrazolo[5,1-b][1,3]oxazine-3-sulfonamide
#
_entity_poly.entity_id   1
_entity_poly.type   'polypeptide(L)'
_entity_poly.pdbx_seq_one_letter_code
;KDYRKKYRKYVRSRFQCIEDRNARLGESVSLNKRYTRLRLIKEHRSQQEREQELLAIGKTKTCESPVSPIKMELLFDPDD
EHSEPVHTVVFQGAAGIGKTILARKMMLDWASGTLYQDRFDYLFYIHCREVSLVTQRSLGDLIMSCCPDPNPPIHKIVRK
PSRILFLMDGFDELQGAFDEHIGPLCTDWQKAERGDILLSSLIRKKLLPEASLLITTRPVALEKLQHLLDHPRHVEILGF
SEAKRKEYFFKYFSDEAQARAAFSLIQENEVLFTMCFIPLVCWIVCTGLKQQMESGKSLAQTSKTTTAVYVFFLSSLLQP
RGGSQEHGLCAHLWGLCSLAADGIWNQKILFEESDLRNHGLQKADVSAFLRMNLFQKEVDCEKFYSFIHMTFQEFFAAMY
YLLEEEKEGRTNVPGSRLKLPSRDVTVLLENYGKFEKGYLIFVVRFLFGLVNQERTSYLEKKLSCKISQQIRLELLKWIE
VKAKAKKLQIQPSQLELFYCLYEMQEEDFVQRAMDYFPKIEINLSTRMDHMVSSFCIENCHRV
;
_entity_poly.pdbx_strand_id   A
#
loop_
_chem_comp.id
_chem_comp.type
_chem_comp.name
_chem_comp.formula
ADP non-polymer ADENOSINE-5'-DIPHOSPHATE 'C10 H15 N5 O10 P2'
MG non-polymer 'MAGNESIUM ION' 'Mg 2'
WTN non-polymer (6S,8R)-N-[(1,2,3,5,6,7-hexahydro-s-indacen-4-yl)carbamoyl]-6-(methylamino)-6,7-dihydro-5H-pyrazolo[5,1-b][1,3]oxazine-3-sulfonamide 'C20 H25 N5 O4 S'
#
# COMPACT_ATOMS: atom_id res chain seq x y z
N LYS A 1 37.49 -0.74 -5.04
CA LYS A 1 36.21 -0.74 -4.36
C LYS A 1 35.81 0.67 -3.92
N ASP A 2 36.59 1.67 -4.32
CA ASP A 2 36.29 3.04 -3.94
C ASP A 2 34.85 3.40 -4.26
N TYR A 3 34.38 3.03 -5.45
CA TYR A 3 32.99 3.29 -5.79
C TYR A 3 32.05 2.53 -4.87
N ARG A 4 32.46 1.38 -4.37
CA ARG A 4 31.63 0.65 -3.41
C ARG A 4 31.38 1.49 -2.17
N LYS A 5 32.45 2.04 -1.59
CA LYS A 5 32.30 2.88 -0.41
C LYS A 5 31.50 4.15 -0.74
N LYS A 6 31.73 4.73 -1.92
CA LYS A 6 30.98 5.92 -2.30
C LYS A 6 29.49 5.63 -2.38
N TYR A 7 29.12 4.51 -3.00
CA TYR A 7 27.71 4.13 -3.09
C TYR A 7 27.14 3.87 -1.71
N ARG A 8 27.90 3.20 -0.84
CA ARG A 8 27.42 2.96 0.51
C ARG A 8 27.16 4.27 1.25
N LYS A 9 28.07 5.23 1.11
CA LYS A 9 27.88 6.52 1.76
C LYS A 9 26.66 7.25 1.21
N TYR A 10 26.48 7.21 -0.11
CA TYR A 10 25.32 7.88 -0.69
C TYR A 10 24.02 7.24 -0.23
N VAL A 11 23.98 5.91 -0.16
CA VAL A 11 22.79 5.22 0.33
C VAL A 11 22.54 5.59 1.79
N ARG A 12 23.59 5.60 2.60
CA ARG A 12 23.45 6.06 3.99
C ARG A 12 22.83 7.44 4.03
N SER A 13 23.25 8.32 3.13
CA SER A 13 22.68 9.67 3.08
C SER A 13 21.19 9.62 2.75
N ARG A 14 20.81 8.83 1.74
CA ARG A 14 19.41 8.82 1.33
C ARG A 14 18.51 8.29 2.43
N PHE A 15 18.83 7.13 2.98
CA PHE A 15 17.92 6.39 3.84
C PHE A 15 18.16 6.68 5.33
N GLN A 16 18.85 7.77 5.65
CA GLN A 16 19.03 8.14 7.04
C GLN A 16 17.69 8.46 7.69
N CYS A 17 16.82 9.19 6.98
CA CYS A 17 15.53 9.60 7.51
C CYS A 17 14.47 8.56 7.15
N ILE A 18 13.21 8.89 7.45
CA ILE A 18 12.10 7.98 7.18
C ILE A 18 11.17 8.60 6.14
N LEU A 31 12.96 9.05 10.85
CA LEU A 31 14.33 8.82 11.31
C LEU A 31 14.51 7.38 11.79
N ASN A 32 15.75 7.01 12.09
CA ASN A 32 16.03 5.65 12.55
C ASN A 32 15.33 5.37 13.88
N LYS A 33 15.35 6.34 14.79
CA LYS A 33 14.74 6.13 16.10
C LYS A 33 13.26 5.80 15.99
N ARG A 34 12.60 6.29 14.95
CA ARG A 34 11.16 6.10 14.81
C ARG A 34 10.77 4.66 14.52
N TYR A 35 11.72 3.83 14.10
CA TYR A 35 11.40 2.47 13.69
C TYR A 35 10.92 1.64 14.88
N THR A 36 9.79 0.96 14.69
CA THR A 36 9.29 -0.02 15.65
C THR A 36 9.19 -1.35 14.92
N ARG A 37 9.82 -2.39 15.46
CA ARG A 37 9.91 -3.65 14.75
C ARG A 37 8.54 -4.29 14.58
N LEU A 38 8.36 -4.99 13.47
CA LEU A 38 7.17 -5.76 13.18
C LEU A 38 7.50 -7.24 13.16
N ARG A 39 6.48 -8.07 13.33
CA ARG A 39 6.68 -9.50 13.39
C ARG A 39 6.93 -10.08 12.00
N LEU A 40 7.45 -11.29 11.96
CA LEU A 40 7.69 -12.01 10.72
C LEU A 40 7.44 -13.49 10.97
N ILE A 41 6.93 -14.18 9.95
CA ILE A 41 6.76 -15.63 10.01
C ILE A 41 7.25 -16.27 8.73
N LYS A 42 8.49 -16.76 8.75
CA LYS A 42 9.05 -17.49 7.63
C LYS A 42 8.27 -18.79 7.44
N GLU A 43 8.64 -19.54 6.40
CA GLU A 43 8.07 -20.84 6.03
C GLU A 43 6.67 -20.70 5.43
N HIS A 44 6.09 -19.51 5.42
CA HIS A 44 4.77 -19.30 4.85
C HIS A 44 4.70 -19.76 3.40
N ILE A 70 12.33 -14.39 13.52
CA ILE A 70 13.34 -14.89 12.59
C ILE A 70 14.57 -13.99 12.62
N LYS A 71 15.67 -14.48 12.05
CA LYS A 71 16.92 -13.73 12.00
C LYS A 71 17.02 -13.05 10.63
N MET A 72 17.14 -11.72 10.64
CA MET A 72 17.16 -10.98 9.38
C MET A 72 18.39 -11.29 8.54
N GLU A 73 19.48 -11.74 9.16
CA GLU A 73 20.69 -12.09 8.43
C GLU A 73 20.67 -13.50 7.88
N LEU A 74 19.70 -14.32 8.26
CA LEU A 74 19.61 -15.71 7.82
C LEU A 74 18.60 -15.90 6.69
N LEU A 75 18.04 -14.82 6.16
CA LEU A 75 16.99 -14.94 5.16
C LEU A 75 17.47 -15.67 3.91
N PHE A 76 18.67 -15.31 3.43
CA PHE A 76 19.19 -15.86 2.19
C PHE A 76 20.09 -17.06 2.41
N ASP A 77 20.19 -17.55 3.64
CA ASP A 77 20.90 -18.80 3.88
C ASP A 77 19.96 -19.99 3.72
N PRO A 78 20.46 -21.17 3.40
CA PRO A 78 19.58 -22.32 3.22
C PRO A 78 19.37 -23.09 4.52
N ASP A 79 18.16 -23.66 4.63
CA ASP A 79 17.78 -24.43 5.79
C ASP A 79 16.52 -25.24 5.51
N GLU A 84 21.06 -25.16 -3.53
CA GLU A 84 20.58 -25.09 -2.15
C GLU A 84 20.18 -23.67 -1.75
N PRO A 85 21.12 -22.72 -1.86
CA PRO A 85 20.81 -21.36 -1.40
C PRO A 85 19.67 -20.75 -2.20
N VAL A 86 18.88 -19.92 -1.52
CA VAL A 86 17.72 -19.29 -2.14
C VAL A 86 18.17 -18.05 -2.89
N HIS A 87 17.55 -17.81 -4.05
CA HIS A 87 17.84 -16.63 -4.85
C HIS A 87 16.68 -15.64 -4.90
N THR A 88 15.47 -16.06 -4.58
CA THR A 88 14.31 -15.19 -4.55
C THR A 88 13.59 -15.36 -3.22
N VAL A 89 13.30 -14.25 -2.55
CA VAL A 89 12.49 -14.23 -1.34
C VAL A 89 11.48 -13.10 -1.48
N VAL A 90 10.22 -13.40 -1.19
CA VAL A 90 9.12 -12.48 -1.39
C VAL A 90 8.47 -12.18 -0.05
N PHE A 91 8.32 -10.89 0.25
CA PHE A 91 7.70 -10.43 1.49
C PHE A 91 6.26 -10.04 1.21
N GLN A 92 5.32 -10.73 1.84
CA GLN A 92 3.90 -10.51 1.65
C GLN A 92 3.30 -9.86 2.89
N GLY A 93 2.46 -8.86 2.68
CA GLY A 93 1.83 -8.19 3.80
C GLY A 93 0.71 -7.29 3.32
N ALA A 94 -0.12 -6.88 4.28
CA ALA A 94 -1.24 -6.00 3.98
C ALA A 94 -0.74 -4.60 3.61
N ALA A 95 -1.58 -3.88 2.87
CA ALA A 95 -1.29 -2.48 2.58
C ALA A 95 -1.17 -1.69 3.88
N GLY A 96 -0.17 -0.81 3.94
CA GLY A 96 0.06 -0.05 5.14
C GLY A 96 0.72 -0.82 6.26
N ILE A 97 1.13 -2.07 6.00
CA ILE A 97 1.68 -2.89 7.08
C ILE A 97 3.13 -2.56 7.38
N GLY A 98 3.85 -1.96 6.42
CA GLY A 98 5.24 -1.59 6.65
C GLY A 98 6.23 -2.25 5.72
N LYS A 99 5.79 -2.59 4.51
CA LYS A 99 6.70 -3.21 3.54
C LYS A 99 7.78 -2.22 3.12
N THR A 100 7.37 -1.02 2.70
CA THR A 100 8.34 -0.04 2.22
C THR A 100 9.31 0.37 3.32
N ILE A 101 8.82 0.57 4.53
CA ILE A 101 9.70 0.96 5.62
C ILE A 101 10.63 -0.19 5.99
N LEU A 102 10.16 -1.43 5.88
CA LEU A 102 11.06 -2.57 6.08
C LEU A 102 12.20 -2.54 5.06
N ALA A 103 11.87 -2.28 3.80
CA ALA A 103 12.89 -2.21 2.77
C ALA A 103 13.87 -1.08 3.05
N ARG A 104 13.37 0.10 3.43
CA ARG A 104 14.23 1.24 3.69
C ARG A 104 15.11 1.00 4.92
N LYS A 105 14.58 0.34 5.94
CA LYS A 105 15.38 0.02 7.12
C LYS A 105 16.47 -0.98 6.78
N MET A 106 16.16 -1.97 5.94
CA MET A 106 17.20 -2.89 5.50
C MET A 106 18.27 -2.16 4.69
N MET A 107 17.85 -1.22 3.86
CA MET A 107 18.80 -0.39 3.12
C MET A 107 19.73 0.34 4.08
N LEU A 108 19.17 1.01 5.08
CA LEU A 108 19.98 1.74 6.05
C LEU A 108 20.91 0.80 6.80
N ASP A 109 20.41 -0.37 7.20
CA ASP A 109 21.24 -1.31 7.94
C ASP A 109 22.42 -1.76 7.11
N TRP A 110 22.20 -2.08 5.83
CA TRP A 110 23.31 -2.48 4.99
C TRP A 110 24.29 -1.33 4.81
N ALA A 111 23.78 -0.11 4.61
CA ALA A 111 24.67 1.03 4.45
C ALA A 111 25.54 1.23 5.67
N SER A 112 24.96 1.06 6.86
CA SER A 112 25.72 1.19 8.10
C SER A 112 26.74 0.07 8.29
N GLY A 113 26.67 -1.00 7.49
CA GLY A 113 27.62 -2.08 7.58
C GLY A 113 27.27 -3.15 8.59
N THR A 114 26.07 -3.12 9.16
CA THR A 114 25.69 -4.09 10.19
C THR A 114 24.98 -5.32 9.63
N LEU A 115 24.41 -5.22 8.44
CA LEU A 115 23.51 -6.24 7.92
C LEU A 115 24.02 -6.73 6.56
N TYR A 116 24.06 -8.05 6.39
CA TYR A 116 24.64 -8.70 5.21
C TYR A 116 26.02 -8.16 4.89
N GLN A 117 26.83 -7.90 5.93
CA GLN A 117 28.11 -7.24 5.72
C GLN A 117 29.10 -8.08 4.94
N ASP A 118 28.87 -9.40 4.83
CA ASP A 118 29.77 -10.28 4.12
C ASP A 118 29.04 -11.14 3.10
N ARG A 119 27.89 -10.66 2.61
CA ARG A 119 27.08 -11.39 1.64
C ARG A 119 26.93 -10.63 0.33
N PHE A 120 26.51 -9.36 0.38
CA PHE A 120 26.27 -8.57 -0.81
C PHE A 120 27.17 -7.35 -0.84
N ASP A 121 27.60 -6.98 -2.04
CA ASP A 121 28.42 -5.79 -2.24
C ASP A 121 27.63 -4.59 -2.73
N TYR A 122 26.56 -4.81 -3.49
CA TYR A 122 25.69 -3.75 -3.98
C TYR A 122 24.24 -4.11 -3.66
N LEU A 123 23.49 -3.11 -3.19
CA LEU A 123 22.10 -3.29 -2.77
C LEU A 123 21.29 -2.23 -3.52
N PHE A 124 20.77 -2.60 -4.68
CA PHE A 124 20.08 -1.65 -5.56
C PHE A 124 18.59 -1.62 -5.20
N TYR A 125 18.12 -0.44 -4.79
CA TYR A 125 16.72 -0.24 -4.45
C TYR A 125 15.98 0.19 -5.71
N ILE A 126 15.07 -0.66 -6.18
CA ILE A 126 14.19 -0.34 -7.30
C ILE A 126 12.82 -0.03 -6.73
N HIS A 127 12.40 1.23 -6.84
CA HIS A 127 11.07 1.63 -6.42
C HIS A 127 10.09 1.33 -7.56
N CYS A 128 9.29 0.27 -7.39
CA CYS A 128 8.39 -0.13 -8.46
C CYS A 128 7.41 0.97 -8.82
N ARG A 129 7.18 1.93 -7.93
CA ARG A 129 6.33 3.06 -8.26
C ARG A 129 6.93 3.89 -9.39
N GLU A 130 8.25 4.09 -9.38
CA GLU A 130 8.89 4.91 -10.41
C GLU A 130 9.04 4.15 -11.72
N VAL A 131 9.33 2.85 -11.67
CA VAL A 131 9.62 2.11 -12.89
C VAL A 131 8.38 2.11 -13.79
N SER A 132 8.60 2.40 -15.07
CA SER A 132 7.53 2.46 -16.06
C SER A 132 7.65 1.26 -17.00
N LEU A 133 6.52 0.57 -17.22
CA LEU A 133 6.53 -0.63 -18.03
C LEU A 133 6.66 -0.32 -19.52
N VAL A 134 5.95 0.71 -19.99
CA VAL A 134 5.92 0.98 -21.43
C VAL A 134 7.26 1.51 -21.91
N THR A 135 7.91 2.37 -21.12
CA THR A 135 9.13 3.02 -21.54
C THR A 135 10.23 2.00 -21.80
N GLN A 136 11.07 2.29 -22.79
CA GLN A 136 12.18 1.43 -23.14
C GLN A 136 13.42 1.85 -22.35
N ARG A 137 13.96 0.92 -21.57
CA ARG A 137 15.12 1.19 -20.74
C ARG A 137 15.95 -0.09 -20.62
N SER A 138 17.22 0.09 -20.28
CA SER A 138 18.15 -1.02 -20.10
C SER A 138 18.46 -1.20 -18.63
N LEU A 139 18.88 -2.41 -18.27
CA LEU A 139 19.22 -2.68 -16.87
C LEU A 139 20.41 -1.86 -16.43
N GLY A 140 21.36 -1.59 -17.34
CA GLY A 140 22.43 -0.67 -17.01
C GLY A 140 21.91 0.71 -16.66
N ASP A 141 20.96 1.21 -17.44
CA ASP A 141 20.34 2.50 -17.13
C ASP A 141 19.55 2.43 -15.83
N LEU A 142 18.87 1.31 -15.58
CA LEU A 142 18.14 1.16 -14.33
C LEU A 142 19.08 1.23 -13.14
N ILE A 143 20.22 0.56 -13.22
CA ILE A 143 21.21 0.63 -12.15
C ILE A 143 21.75 2.05 -12.01
N MET A 144 22.04 2.70 -13.14
CA MET A 144 22.56 4.07 -13.10
C MET A 144 21.56 5.01 -12.45
N SER A 145 20.27 4.72 -12.57
CA SER A 145 19.25 5.58 -11.97
C SER A 145 19.28 5.54 -10.44
N CYS A 146 20.01 4.61 -9.84
CA CYS A 146 20.07 4.46 -8.39
C CYS A 146 21.42 4.85 -7.82
N CYS A 147 22.34 5.35 -8.63
CA CYS A 147 23.70 5.64 -8.19
C CYS A 147 23.91 7.13 -7.96
N PRO A 148 24.92 7.49 -7.15
CA PRO A 148 25.10 8.91 -6.82
C PRO A 148 25.57 9.75 -7.99
N ASP A 149 26.63 9.31 -8.67
CA ASP A 149 27.25 10.09 -9.72
C ASP A 149 26.85 9.57 -11.09
N PRO A 150 26.93 10.40 -12.13
CA PRO A 150 26.46 10.00 -13.45
C PRO A 150 27.41 9.11 -14.25
N ASN A 151 28.45 8.55 -13.62
CA ASN A 151 29.38 7.66 -14.28
C ASN A 151 29.61 6.42 -13.42
N PRO A 152 28.61 5.55 -13.31
CA PRO A 152 28.77 4.32 -12.52
C PRO A 152 29.65 3.33 -13.25
N PRO A 153 30.61 2.69 -12.55
CA PRO A 153 31.34 1.58 -13.17
C PRO A 153 30.47 0.34 -13.35
N ILE A 154 29.41 0.46 -14.16
CA ILE A 154 28.48 -0.64 -14.33
C ILE A 154 29.21 -1.88 -14.84
N HIS A 155 30.09 -1.70 -15.82
CA HIS A 155 30.87 -2.84 -16.31
C HIS A 155 31.64 -3.50 -15.18
N LYS A 156 32.25 -2.69 -14.31
CA LYS A 156 32.93 -3.24 -13.14
C LYS A 156 31.95 -3.90 -12.21
N ILE A 157 30.76 -3.30 -12.05
CA ILE A 157 29.79 -3.81 -11.07
C ILE A 157 29.35 -5.21 -11.45
N VAL A 158 29.04 -5.43 -12.72
CA VAL A 158 28.44 -6.70 -13.15
C VAL A 158 29.52 -7.76 -13.37
N ARG A 159 30.76 -7.44 -12.99
CA ARG A 159 31.81 -8.46 -13.02
C ARG A 159 31.50 -9.59 -12.04
N LYS A 160 30.91 -9.25 -10.90
CA LYS A 160 30.62 -10.20 -9.83
C LYS A 160 29.15 -10.13 -9.49
N PRO A 161 28.28 -10.75 -10.29
CA PRO A 161 26.84 -10.68 -10.00
C PRO A 161 26.43 -11.42 -8.74
N SER A 162 27.30 -12.28 -8.21
CA SER A 162 26.93 -13.04 -7.02
C SER A 162 26.72 -12.15 -5.80
N ARG A 163 27.24 -10.93 -5.82
CA ARG A 163 27.14 -10.01 -4.69
C ARG A 163 26.23 -8.83 -5.00
N ILE A 164 25.22 -9.05 -5.84
CA ILE A 164 24.25 -8.02 -6.22
C ILE A 164 22.87 -8.50 -5.82
N LEU A 165 22.13 -7.64 -5.11
CA LEU A 165 20.77 -7.95 -4.69
C LEU A 165 19.86 -6.79 -5.08
N PHE A 166 18.70 -7.12 -5.63
CA PHE A 166 17.71 -6.13 -6.04
C PHE A 166 16.49 -6.18 -5.13
N LEU A 167 15.85 -5.02 -4.94
CA LEU A 167 14.71 -4.86 -4.03
C LEU A 167 13.54 -4.27 -4.83
N MET A 168 12.73 -5.15 -5.40
CA MET A 168 11.52 -4.73 -6.12
C MET A 168 10.44 -4.48 -5.07
N ASP A 169 10.38 -3.25 -4.58
CA ASP A 169 9.48 -2.87 -3.50
C ASP A 169 8.18 -2.35 -4.11
N GLY A 170 7.09 -3.08 -3.90
CA GLY A 170 5.80 -2.65 -4.40
C GLY A 170 5.45 -3.20 -5.76
N PHE A 171 5.51 -4.53 -5.92
CA PHE A 171 5.21 -5.12 -7.22
C PHE A 171 3.80 -4.80 -7.68
N ASP A 172 2.84 -4.79 -6.75
CA ASP A 172 1.48 -4.45 -7.12
C ASP A 172 1.36 -3.02 -7.63
N GLU A 173 2.37 -2.19 -7.37
CA GLU A 173 2.34 -0.79 -7.78
C GLU A 173 2.74 -0.56 -9.23
N LEU A 174 3.23 -1.60 -9.92
CA LEU A 174 3.56 -1.44 -11.33
C LEU A 174 2.34 -1.00 -12.11
N GLN A 175 2.51 0.03 -12.94
CA GLN A 175 1.41 0.67 -13.64
C GLN A 175 1.27 0.13 -15.04
N GLY A 176 0.03 -0.10 -15.46
CA GLY A 176 -0.28 -0.60 -16.78
C GLY A 176 -0.58 -2.09 -16.75
N ALA A 177 -0.56 -2.67 -17.95
CA ALA A 177 -0.83 -4.09 -18.13
C ALA A 177 0.49 -4.86 -18.15
N PHE A 178 0.56 -5.92 -17.36
CA PHE A 178 1.76 -6.75 -17.23
C PHE A 178 1.40 -8.15 -17.71
N ASP A 179 1.79 -8.48 -18.94
CA ASP A 179 1.51 -9.80 -19.49
C ASP A 179 2.31 -10.86 -18.73
N GLU A 180 1.66 -11.97 -18.41
CA GLU A 180 2.34 -13.04 -17.69
C GLU A 180 3.43 -13.68 -18.53
N HIS A 181 3.17 -13.88 -19.82
CA HIS A 181 4.07 -14.65 -20.68
C HIS A 181 4.57 -13.82 -21.85
N ILE A 182 5.00 -12.59 -21.58
CA ILE A 182 5.52 -11.72 -22.63
C ILE A 182 6.97 -12.08 -22.88
N GLY A 183 7.37 -12.07 -24.16
CA GLY A 183 8.72 -12.43 -24.53
C GLY A 183 9.12 -11.88 -25.88
N PRO A 184 10.33 -12.24 -26.33
CA PRO A 184 11.29 -13.11 -25.68
C PRO A 184 12.01 -12.39 -24.54
N LEU A 185 12.45 -13.13 -23.53
CA LEU A 185 13.08 -12.51 -22.37
C LEU A 185 14.50 -12.06 -22.71
N CYS A 186 14.84 -10.84 -22.32
CA CYS A 186 16.16 -10.30 -22.59
C CYS A 186 17.24 -11.17 -21.93
N THR A 187 18.48 -10.94 -22.32
CA THR A 187 19.61 -11.73 -21.84
C THR A 187 20.71 -10.89 -21.22
N ASP A 188 21.01 -9.72 -21.78
CA ASP A 188 22.12 -8.90 -21.34
C ASP A 188 21.64 -7.52 -20.89
N TRP A 189 22.32 -6.99 -19.87
CA TRP A 189 21.95 -5.69 -19.32
C TRP A 189 22.12 -4.57 -20.34
N GLN A 190 23.19 -4.62 -21.14
CA GLN A 190 23.45 -3.56 -22.12
C GLN A 190 22.22 -3.27 -22.97
N LYS A 191 21.61 -4.31 -23.54
CA LYS A 191 20.51 -4.11 -24.47
C LYS A 191 19.36 -3.36 -23.77
N ALA A 192 18.54 -2.72 -24.60
CA ALA A 192 17.37 -1.98 -24.14
C ALA A 192 16.12 -2.67 -24.64
N GLU A 193 15.15 -2.85 -23.75
CA GLU A 193 13.87 -3.45 -24.11
C GLU A 193 12.76 -2.67 -23.40
N ARG A 194 11.53 -3.13 -23.57
CA ARG A 194 10.42 -2.52 -22.86
C ARG A 194 10.52 -2.82 -21.37
N GLY A 195 9.84 -1.99 -20.57
CA GLY A 195 9.86 -2.20 -19.13
C GLY A 195 9.34 -3.58 -18.75
N ASP A 196 8.29 -4.03 -19.43
CA ASP A 196 7.74 -5.36 -19.16
C ASP A 196 8.80 -6.43 -19.36
N ILE A 197 9.48 -6.42 -20.50
CA ILE A 197 10.46 -7.46 -20.78
C ILE A 197 11.58 -7.41 -19.75
N LEU A 198 12.08 -6.20 -19.46
CA LEU A 198 13.18 -6.07 -18.51
C LEU A 198 12.79 -6.62 -17.14
N LEU A 199 11.66 -6.16 -16.61
CA LEU A 199 11.26 -6.58 -15.28
C LEU A 199 11.00 -8.08 -15.23
N SER A 200 10.29 -8.61 -16.23
CA SER A 200 10.00 -10.05 -16.22
C SER A 200 11.28 -10.87 -16.33
N SER A 201 12.19 -10.49 -17.23
CA SER A 201 13.43 -11.24 -17.39
C SER A 201 14.25 -11.21 -16.11
N LEU A 202 14.29 -10.06 -15.43
CA LEU A 202 14.99 -10.00 -14.15
C LEU A 202 14.32 -10.91 -13.13
N ILE A 203 12.99 -10.93 -13.12
CA ILE A 203 12.26 -11.75 -12.14
C ILE A 203 12.48 -13.23 -12.41
N ARG A 204 12.51 -13.62 -13.68
CA ARG A 204 12.67 -15.02 -14.05
C ARG A 204 14.10 -15.51 -13.91
N LYS A 205 15.00 -14.70 -13.35
CA LYS A 205 16.36 -15.12 -13.06
C LYS A 205 17.13 -15.49 -14.33
N LYS A 206 16.73 -14.95 -15.47
CA LYS A 206 17.47 -15.13 -16.71
C LYS A 206 18.35 -13.95 -17.05
N LEU A 207 18.09 -12.77 -16.48
CA LEU A 207 18.95 -11.61 -16.63
C LEU A 207 19.80 -11.50 -15.36
N LEU A 208 21.12 -11.55 -15.53
CA LEU A 208 22.01 -11.69 -14.38
C LEU A 208 21.54 -12.88 -13.56
N PRO A 209 21.72 -14.11 -14.04
CA PRO A 209 21.12 -15.27 -13.37
C PRO A 209 21.55 -15.44 -11.93
N GLU A 210 22.78 -15.06 -11.59
CA GLU A 210 23.31 -15.30 -10.25
C GLU A 210 22.94 -14.20 -9.25
N ALA A 211 22.22 -13.16 -9.68
CA ALA A 211 21.86 -12.07 -8.79
C ALA A 211 20.74 -12.49 -7.85
N SER A 212 20.71 -11.87 -6.67
CA SER A 212 19.68 -12.13 -5.69
C SER A 212 18.55 -11.12 -5.83
N LEU A 213 17.34 -11.56 -5.50
CA LEU A 213 16.14 -10.74 -5.67
C LEU A 213 15.30 -10.78 -4.41
N LEU A 214 14.59 -9.68 -4.15
CA LEU A 214 13.59 -9.63 -3.09
C LEU A 214 12.47 -8.71 -3.52
N ILE A 215 11.26 -9.26 -3.64
CA ILE A 215 10.09 -8.51 -4.09
C ILE A 215 9.13 -8.41 -2.92
N THR A 216 8.65 -7.19 -2.65
CA THR A 216 7.66 -6.95 -1.61
C THR A 216 6.32 -6.70 -2.30
N THR A 217 5.38 -7.62 -2.12
CA THR A 217 4.11 -7.59 -2.84
C THR A 217 2.95 -7.77 -1.86
N ARG A 218 1.83 -7.15 -2.20
CA ARG A 218 0.59 -7.42 -1.51
C ARG A 218 0.06 -8.79 -1.97
N PRO A 219 -0.54 -9.56 -1.06
CA PRO A 219 -0.93 -10.94 -1.44
C PRO A 219 -1.86 -11.00 -2.62
N VAL A 220 -2.61 -9.94 -2.91
CA VAL A 220 -3.52 -9.96 -4.05
C VAL A 220 -2.77 -10.15 -5.35
N ALA A 221 -1.55 -9.63 -5.44
CA ALA A 221 -0.80 -9.63 -6.69
C ALA A 221 -0.12 -10.96 -6.99
N LEU A 222 -0.02 -11.87 -6.02
CA LEU A 222 0.65 -13.13 -6.28
C LEU A 222 -0.01 -13.89 -7.43
N GLU A 223 -1.29 -13.63 -7.68
CA GLU A 223 -1.98 -14.30 -8.78
C GLU A 223 -1.24 -14.10 -10.10
N LYS A 224 -0.55 -12.97 -10.25
CA LYS A 224 0.27 -12.72 -11.44
C LYS A 224 1.75 -12.97 -11.20
N LEU A 225 2.18 -13.07 -9.95
CA LEU A 225 3.58 -13.31 -9.64
C LEU A 225 3.90 -14.79 -9.51
N GLN A 226 2.90 -15.67 -9.56
CA GLN A 226 3.16 -17.11 -9.49
C GLN A 226 4.02 -17.57 -10.65
N HIS A 227 3.64 -17.19 -11.88
CA HIS A 227 4.23 -17.80 -13.06
C HIS A 227 5.68 -17.41 -13.27
N LEU A 228 6.15 -16.36 -12.60
CA LEU A 228 7.50 -15.84 -12.82
C LEU A 228 8.50 -16.31 -11.78
N LEU A 229 8.05 -16.61 -10.56
CA LEU A 229 8.98 -16.91 -9.47
C LEU A 229 9.72 -18.22 -9.73
N ASP A 230 10.92 -18.31 -9.18
CA ASP A 230 11.81 -19.45 -9.37
C ASP A 230 12.18 -20.01 -8.00
N HIS A 231 11.53 -21.09 -7.59
CA HIS A 231 11.72 -21.72 -6.29
C HIS A 231 11.78 -20.66 -5.19
N PRO A 232 10.74 -19.83 -5.07
CA PRO A 232 10.82 -18.69 -4.14
C PRO A 232 10.69 -19.12 -2.69
N ARG A 233 11.28 -18.30 -1.82
CA ARG A 233 10.98 -18.31 -0.40
C ARG A 233 9.92 -17.25 -0.12
N HIS A 234 9.06 -17.53 0.84
CA HIS A 234 7.97 -16.62 1.17
C HIS A 234 8.03 -16.26 2.65
N VAL A 235 7.95 -14.96 2.93
CA VAL A 235 7.92 -14.46 4.29
C VAL A 235 6.74 -13.52 4.42
N GLU A 236 6.25 -13.35 5.64
CA GLU A 236 5.04 -12.59 5.90
C GLU A 236 5.30 -11.51 6.92
N ILE A 237 4.75 -10.32 6.67
CA ILE A 237 4.72 -9.23 7.65
C ILE A 237 3.36 -9.23 8.30
N LEU A 238 3.34 -9.22 9.63
CA LEU A 238 2.11 -9.46 10.39
C LEU A 238 1.45 -8.16 10.84
N GLY A 239 2.17 -7.33 11.58
CA GLY A 239 1.60 -6.10 12.09
C GLY A 239 2.19 -5.77 13.44
N PHE A 240 1.48 -4.90 14.16
CA PHE A 240 1.94 -4.41 15.45
C PHE A 240 1.23 -5.14 16.58
N SER A 241 2.02 -5.73 17.48
CA SER A 241 1.45 -6.28 18.70
C SER A 241 1.04 -5.16 19.64
N GLU A 242 0.23 -5.51 20.64
CA GLU A 242 -0.27 -4.49 21.57
C GLU A 242 0.88 -3.80 22.30
N ALA A 243 1.88 -4.58 22.72
CA ALA A 243 3.05 -3.97 23.35
C ALA A 243 3.76 -3.04 22.39
N LYS A 244 3.95 -3.47 21.14
CA LYS A 244 4.56 -2.59 20.16
C LYS A 244 3.63 -1.44 19.78
N ARG A 245 2.32 -1.63 19.89
CA ARG A 245 1.39 -0.52 19.72
C ARG A 245 1.67 0.58 20.75
N LYS A 246 1.78 0.19 22.02
CA LYS A 246 2.11 1.16 23.06
C LYS A 246 3.48 1.76 22.83
N GLU A 247 4.45 0.94 22.41
CA GLU A 247 5.78 1.45 22.12
C GLU A 247 5.72 2.55 21.06
N TYR A 248 5.02 2.29 19.95
CA TYR A 248 4.89 3.30 18.91
C TYR A 248 4.20 4.55 19.45
N PHE A 249 3.14 4.37 20.23
CA PHE A 249 2.41 5.53 20.74
C PHE A 249 3.30 6.38 21.64
N PHE A 250 4.25 5.77 22.34
CA PHE A 250 5.14 6.54 23.20
C PHE A 250 6.31 7.14 22.46
N LYS A 251 6.80 6.49 21.40
CA LYS A 251 7.84 7.09 20.57
C LYS A 251 7.31 8.21 19.67
N TYR A 252 6.01 8.22 19.37
CA TYR A 252 5.48 9.29 18.54
C TYR A 252 5.65 10.64 19.19
N PHE A 253 5.35 10.73 20.49
CA PHE A 253 5.38 12.00 21.22
C PHE A 253 6.68 12.13 22.00
N SER A 254 7.06 13.38 22.24
CA SER A 254 8.28 13.71 22.97
C SER A 254 8.01 14.10 24.42
N ASP A 255 6.77 14.01 24.89
CA ASP A 255 6.43 14.33 26.26
C ASP A 255 5.54 13.24 26.84
N GLU A 256 5.80 12.88 28.09
CA GLU A 256 5.11 11.73 28.70
C GLU A 256 3.62 11.97 28.80
N ALA A 257 3.21 13.16 29.21
CA ALA A 257 1.79 13.42 29.47
C ALA A 257 0.97 13.23 28.20
N GLN A 258 1.43 13.79 27.08
CA GLN A 258 0.67 13.69 25.84
C GLN A 258 0.53 12.25 25.40
N ALA A 259 1.63 11.49 25.45
CA ALA A 259 1.59 10.09 25.02
C ALA A 259 0.66 9.28 25.91
N ARG A 260 0.73 9.49 27.23
CA ARG A 260 -0.12 8.75 28.14
C ARG A 260 -1.59 9.07 27.89
N ALA A 261 -1.92 10.35 27.71
CA ALA A 261 -3.31 10.72 27.46
C ALA A 261 -3.80 10.11 26.15
N ALA A 262 -2.97 10.17 25.10
CA ALA A 262 -3.37 9.62 23.82
C ALA A 262 -3.61 8.12 23.92
N PHE A 263 -2.68 7.40 24.57
CA PHE A 263 -2.85 5.95 24.70
C PHE A 263 -4.10 5.63 25.50
N SER A 264 -4.36 6.38 26.57
CA SER A 264 -5.56 6.14 27.37
C SER A 264 -6.81 6.34 26.54
N LEU A 265 -6.85 7.41 25.73
CA LEU A 265 -8.01 7.65 24.89
C LEU A 265 -8.19 6.54 23.86
N ILE A 266 -7.09 6.06 23.29
CA ILE A 266 -7.20 5.04 22.23
C ILE A 266 -7.65 3.71 22.82
N GLN A 267 -7.06 3.30 23.94
CA GLN A 267 -7.35 1.98 24.48
C GLN A 267 -8.80 1.84 24.92
N GLU A 268 -9.39 2.93 25.40
CA GLU A 268 -10.73 2.84 25.98
C GLU A 268 -11.76 2.33 24.99
N ASN A 269 -11.52 2.50 23.68
CA ASN A 269 -12.33 1.88 22.65
C ASN A 269 -11.51 0.80 21.95
N GLU A 270 -12.13 -0.35 21.72
CA GLU A 270 -11.40 -1.55 21.35
C GLU A 270 -11.32 -1.79 19.85
N VAL A 271 -12.34 -1.40 19.09
CA VAL A 271 -12.32 -1.65 17.64
C VAL A 271 -11.15 -0.93 17.00
N LEU A 272 -10.97 0.35 17.33
CA LEU A 272 -9.86 1.10 16.77
C LEU A 272 -8.53 0.53 17.22
N PHE A 273 -8.43 0.14 18.50
CA PHE A 273 -7.17 -0.38 19.02
C PHE A 273 -6.77 -1.68 18.32
N THR A 274 -7.73 -2.58 18.10
CA THR A 274 -7.41 -3.83 17.42
C THR A 274 -7.25 -3.65 15.92
N MET A 275 -7.79 -2.57 15.35
CA MET A 275 -7.50 -2.21 13.97
C MET A 275 -6.20 -1.43 13.85
N CYS A 276 -5.56 -1.10 14.97
CA CYS A 276 -4.31 -0.35 14.98
C CYS A 276 -3.09 -1.24 14.84
N PHE A 277 -3.26 -2.54 14.61
CA PHE A 277 -2.11 -3.39 14.36
C PHE A 277 -1.48 -3.12 13.00
N ILE A 278 -2.13 -2.34 12.16
CA ILE A 278 -1.54 -1.87 10.91
C ILE A 278 -0.88 -0.52 11.18
N PRO A 279 0.44 -0.41 11.02
CA PRO A 279 1.12 0.84 11.42
C PRO A 279 0.54 2.11 10.82
N LEU A 280 -0.01 2.04 9.59
CA LEU A 280 -0.55 3.24 8.98
C LEU A 280 -1.72 3.80 9.78
N VAL A 281 -2.52 2.92 10.41
CA VAL A 281 -3.61 3.40 11.25
C VAL A 281 -3.06 4.12 12.47
N CYS A 282 -1.98 3.60 13.05
CA CYS A 282 -1.35 4.29 14.17
C CYS A 282 -0.83 5.65 13.75
N TRP A 283 -0.20 5.72 12.57
CA TRP A 283 0.28 7.00 12.07
C TRP A 283 -0.87 7.99 11.91
N ILE A 284 -1.95 7.55 11.27
CA ILE A 284 -3.09 8.43 11.04
C ILE A 284 -3.66 8.91 12.36
N VAL A 285 -3.88 8.00 13.30
CA VAL A 285 -4.52 8.34 14.57
C VAL A 285 -3.64 9.28 15.37
N CYS A 286 -2.34 9.01 15.43
CA CYS A 286 -1.44 9.86 16.21
C CYS A 286 -1.29 11.24 15.59
N THR A 287 -1.22 11.31 14.25
CA THR A 287 -1.14 12.62 13.60
C THR A 287 -2.42 13.41 13.85
N GLY A 288 -3.58 12.77 13.77
CA GLY A 288 -4.82 13.45 14.09
C GLY A 288 -4.86 13.91 15.55
N LEU A 289 -4.34 13.07 16.45
CA LEU A 289 -4.29 13.45 17.85
C LEU A 289 -3.41 14.68 18.05
N LYS A 290 -2.28 14.73 17.35
CA LYS A 290 -1.43 15.92 17.41
C LYS A 290 -2.17 17.14 16.88
N GLN A 291 -2.89 16.98 15.78
CA GLN A 291 -3.65 18.11 15.24
C GLN A 291 -4.68 18.62 16.24
N GLN A 292 -5.40 17.71 16.89
CA GLN A 292 -6.38 18.13 17.89
C GLN A 292 -5.71 18.77 19.10
N MET A 293 -4.56 18.23 19.51
CA MET A 293 -3.90 18.72 20.71
C MET A 293 -3.40 20.14 20.55
N GLU A 294 -3.17 20.60 19.32
CA GLU A 294 -2.74 21.98 19.11
C GLU A 294 -3.70 22.95 19.80
N SER A 295 -4.99 22.80 19.54
CA SER A 295 -5.99 23.64 20.18
C SER A 295 -6.33 23.10 21.57
N GLY A 296 -7.20 23.84 22.26
CA GLY A 296 -7.64 23.45 23.59
C GLY A 296 -8.77 22.45 23.63
N LYS A 297 -9.28 22.03 22.47
CA LYS A 297 -10.37 21.07 22.44
C LYS A 297 -9.93 19.74 23.04
N SER A 298 -10.81 19.16 23.85
CA SER A 298 -10.54 17.85 24.43
C SER A 298 -10.50 16.79 23.34
N LEU A 299 -9.55 15.87 23.45
CA LEU A 299 -9.38 14.84 22.44
C LEU A 299 -10.66 14.04 22.25
N ALA A 300 -10.75 13.36 21.11
CA ALA A 300 -11.92 12.56 20.80
C ALA A 300 -11.62 11.69 19.59
N GLN A 301 -12.14 10.46 19.62
CA GLN A 301 -12.04 9.57 18.47
C GLN A 301 -13.19 8.55 18.55
N THR A 302 -14.22 8.77 17.74
CA THR A 302 -15.35 7.87 17.64
C THR A 302 -15.22 6.88 16.50
N SER A 303 -14.09 6.90 15.77
CA SER A 303 -13.95 6.08 14.58
C SER A 303 -14.17 4.62 14.89
N LYS A 304 -15.02 3.96 14.11
CA LYS A 304 -15.32 2.55 14.27
C LYS A 304 -14.86 1.70 13.09
N THR A 305 -14.60 2.30 11.93
CA THR A 305 -14.26 1.56 10.73
C THR A 305 -13.12 2.27 10.00
N THR A 306 -12.55 1.58 9.01
CA THR A 306 -11.47 2.16 8.23
C THR A 306 -11.92 3.43 7.53
N THR A 307 -13.09 3.39 6.90
CA THR A 307 -13.62 4.58 6.24
C THR A 307 -13.78 5.72 7.22
N ALA A 308 -14.27 5.42 8.42
CA ALA A 308 -14.41 6.47 9.43
C ALA A 308 -13.06 7.03 9.82
N VAL A 309 -12.04 6.17 9.93
CA VAL A 309 -10.71 6.65 10.29
C VAL A 309 -10.20 7.62 9.24
N TYR A 310 -10.31 7.25 7.97
CA TYR A 310 -9.82 8.13 6.90
C TYR A 310 -10.63 9.42 6.83
N VAL A 311 -11.95 9.33 7.02
CA VAL A 311 -12.77 10.53 6.97
C VAL A 311 -12.42 11.46 8.13
N PHE A 312 -12.14 10.90 9.31
CA PHE A 312 -11.72 11.74 10.43
C PHE A 312 -10.40 12.42 10.14
N PHE A 313 -9.45 11.68 9.54
CA PHE A 313 -8.19 12.30 9.14
C PHE A 313 -8.44 13.47 8.19
N LEU A 314 -9.26 13.24 7.17
CA LEU A 314 -9.53 14.28 6.19
C LEU A 314 -10.16 15.50 6.84
N SER A 315 -11.14 15.29 7.72
CA SER A 315 -11.77 16.40 8.41
C SER A 315 -10.77 17.14 9.28
N SER A 316 -9.91 16.40 9.97
CA SER A 316 -8.91 17.03 10.84
C SER A 316 -7.98 17.92 10.04
N LEU A 317 -7.57 17.47 8.86
CA LEU A 317 -6.63 18.22 8.04
C LEU A 317 -7.31 19.12 7.02
N LEU A 318 -8.64 19.14 6.98
CA LEU A 318 -9.36 19.97 6.02
C LEU A 318 -10.71 20.41 6.58
N CYS A 330 -16.16 21.97 -2.59
CA CYS A 330 -15.36 23.17 -2.81
C CYS A 330 -14.39 22.97 -3.95
N ALA A 331 -13.73 24.06 -4.37
CA ALA A 331 -12.75 23.97 -5.45
C ALA A 331 -11.57 23.09 -5.05
N HIS A 332 -11.23 23.06 -3.76
CA HIS A 332 -10.06 22.30 -3.32
C HIS A 332 -10.31 20.80 -3.41
N LEU A 333 -11.53 20.35 -3.14
CA LEU A 333 -11.81 18.92 -3.03
C LEU A 333 -12.08 18.24 -4.37
N TRP A 334 -12.85 18.90 -5.25
CA TRP A 334 -13.21 18.25 -6.51
C TRP A 334 -11.98 17.95 -7.35
N GLY A 335 -11.05 18.89 -7.45
CA GLY A 335 -9.79 18.60 -8.11
C GLY A 335 -8.99 17.54 -7.38
N LEU A 336 -9.03 17.57 -6.05
CA LEU A 336 -8.30 16.59 -5.25
C LEU A 336 -8.79 15.17 -5.53
N CYS A 337 -10.07 15.02 -5.86
CA CYS A 337 -10.63 13.70 -6.18
C CYS A 337 -10.51 13.36 -7.66
N SER A 338 -10.62 14.35 -8.54
CA SER A 338 -10.42 14.11 -9.96
C SER A 338 -9.00 13.66 -10.25
N LEU A 339 -8.02 14.24 -9.55
CA LEU A 339 -6.64 13.81 -9.71
C LEU A 339 -6.49 12.34 -9.36
N ALA A 340 -7.08 11.92 -8.24
CA ALA A 340 -6.99 10.53 -7.83
C ALA A 340 -7.68 9.61 -8.82
N ALA A 341 -8.88 9.98 -9.28
CA ALA A 341 -9.60 9.14 -10.23
C ALA A 341 -8.81 8.99 -11.53
N ASP A 342 -8.28 10.10 -12.05
CA ASP A 342 -7.50 10.03 -13.28
C ASP A 342 -6.25 9.18 -13.09
N GLY A 343 -5.57 9.35 -11.95
CA GLY A 343 -4.38 8.55 -11.71
C GLY A 343 -4.69 7.07 -11.62
N ILE A 344 -5.82 6.71 -11.00
CA ILE A 344 -6.20 5.32 -10.88
C ILE A 344 -6.54 4.74 -12.25
N TRP A 345 -7.37 5.44 -13.02
CA TRP A 345 -7.85 4.88 -14.28
C TRP A 345 -6.80 4.92 -15.37
N ASN A 346 -6.01 6.00 -15.44
CA ASN A 346 -5.00 6.14 -16.47
C ASN A 346 -3.66 5.55 -16.07
N GLN A 347 -3.57 4.91 -14.91
CA GLN A 347 -2.32 4.30 -14.45
C GLN A 347 -1.24 5.36 -14.23
N LYS A 348 -1.59 6.37 -13.45
CA LYS A 348 -0.67 7.44 -13.09
C LYS A 348 -0.67 7.61 -11.58
N ILE A 349 0.46 7.39 -10.95
CA ILE A 349 0.60 7.58 -9.51
C ILE A 349 1.40 8.83 -9.16
N LEU A 350 2.30 9.27 -10.04
CA LEU A 350 3.07 10.49 -9.85
C LEU A 350 2.59 11.54 -10.85
N PHE A 351 2.31 12.74 -10.36
CA PHE A 351 1.74 13.80 -11.16
C PHE A 351 2.69 14.99 -11.20
N GLU A 352 2.91 15.52 -12.40
CA GLU A 352 3.77 16.67 -12.58
C GLU A 352 2.99 17.96 -12.31
N GLU A 353 3.73 19.04 -12.07
CA GLU A 353 3.10 20.32 -11.76
C GLU A 353 2.04 20.68 -12.80
N SER A 354 2.32 20.40 -14.07
CA SER A 354 1.32 20.64 -15.10
C SER A 354 0.08 19.80 -14.86
N ASP A 355 0.26 18.53 -14.50
CA ASP A 355 -0.88 17.68 -14.20
C ASP A 355 -1.67 18.21 -13.02
N LEU A 356 -0.98 18.69 -11.98
CA LEU A 356 -1.67 19.27 -10.83
C LEU A 356 -2.47 20.50 -11.24
N ARG A 357 -1.88 21.35 -12.07
CA ARG A 357 -2.59 22.54 -12.53
C ARG A 357 -3.80 22.18 -13.36
N ASN A 358 -3.72 21.08 -14.12
CA ASN A 358 -4.82 20.72 -15.01
C ASN A 358 -6.13 20.54 -14.26
N HIS A 359 -6.08 19.86 -13.11
CA HIS A 359 -7.31 19.43 -12.45
C HIS A 359 -8.00 20.54 -11.66
N GLY A 360 -7.28 21.59 -11.27
CA GLY A 360 -7.91 22.66 -10.50
C GLY A 360 -7.05 23.24 -9.39
N LEU A 361 -5.83 22.74 -9.24
CA LEU A 361 -4.94 23.29 -8.22
C LEU A 361 -4.77 24.79 -8.37
N GLN A 362 -4.83 25.29 -9.61
CA GLN A 362 -4.79 26.73 -9.88
C GLN A 362 -3.49 27.35 -9.36
N LYS A 363 -2.38 26.71 -9.72
CA LYS A 363 -1.04 27.18 -9.37
C LYS A 363 -0.83 27.31 -7.87
N ALA A 364 -1.76 26.79 -7.07
CA ALA A 364 -1.69 26.91 -5.62
C ALA A 364 -2.46 25.74 -5.02
N ASP A 365 -2.74 25.83 -3.72
CA ASP A 365 -3.45 24.84 -2.93
C ASP A 365 -2.58 23.62 -2.62
N VAL A 366 -1.38 23.52 -3.20
CA VAL A 366 -0.48 22.43 -2.89
C VAL A 366 0.82 22.92 -2.26
N SER A 367 1.20 24.18 -2.44
CA SER A 367 2.40 24.69 -1.77
C SER A 367 2.25 24.59 -0.26
N ALA A 368 1.07 24.95 0.26
CA ALA A 368 0.80 24.91 1.69
C ALA A 368 -0.36 24.00 2.05
N PHE A 369 -1.48 24.10 1.34
CA PHE A 369 -2.73 23.51 1.84
C PHE A 369 -2.70 21.99 1.77
N LEU A 370 -2.63 21.42 0.56
CA LEU A 370 -2.77 19.99 0.42
C LEU A 370 -1.50 19.24 0.82
N ARG A 371 -0.33 19.80 0.53
CA ARG A 371 0.92 19.11 0.83
C ARG A 371 1.14 18.94 2.32
N MET A 372 0.39 19.66 3.16
CA MET A 372 0.57 19.60 4.61
C MET A 372 0.83 18.17 5.06
N ASN A 373 -0.11 17.26 4.79
CA ASN A 373 0.09 15.85 5.04
C ASN A 373 -0.43 14.94 3.93
N LEU A 374 -1.23 15.44 3.00
CA LEU A 374 -1.81 14.58 1.97
C LEU A 374 -0.78 14.21 0.91
N PHE A 375 -0.25 15.20 0.20
CA PHE A 375 0.65 14.96 -0.90
C PHE A 375 2.09 14.84 -0.41
N GLN A 376 2.99 14.51 -1.33
CA GLN A 376 4.40 14.38 -1.04
C GLN A 376 5.18 14.64 -2.31
N LYS A 377 6.17 15.52 -2.23
CA LYS A 377 7.04 15.83 -3.36
C LYS A 377 8.19 14.83 -3.44
N GLU A 378 8.47 14.35 -4.64
CA GLU A 378 9.48 13.32 -4.84
C GLU A 378 10.45 13.77 -5.93
N VAL A 379 11.72 13.39 -5.74
CA VAL A 379 12.81 13.72 -6.66
C VAL A 379 12.65 15.14 -7.22
N LYS A 383 9.06 18.26 -8.51
CA LYS A 383 8.45 18.22 -9.84
C LYS A 383 7.32 17.20 -9.89
N PHE A 384 7.45 16.14 -9.11
CA PHE A 384 6.43 15.10 -9.01
C PHE A 384 5.79 15.16 -7.63
N TYR A 385 4.47 15.25 -7.60
CA TYR A 385 3.70 15.24 -6.36
C TYR A 385 2.79 14.03 -6.36
N SER A 386 2.97 13.16 -5.38
CA SER A 386 2.16 11.96 -5.22
C SER A 386 1.33 12.09 -3.95
N PHE A 387 0.58 11.03 -3.64
CA PHE A 387 -0.14 10.94 -2.37
C PHE A 387 0.78 10.29 -1.34
N ILE A 388 0.59 10.67 -0.08
CA ILE A 388 1.46 10.19 0.98
C ILE A 388 1.45 8.66 1.00
N HIS A 389 0.26 8.07 0.87
CA HIS A 389 0.13 6.62 0.75
C HIS A 389 -0.95 6.31 -0.27
N MET A 390 -0.76 5.22 -1.01
CA MET A 390 -1.70 4.87 -2.06
C MET A 390 -3.12 4.70 -1.53
N THR A 391 -3.26 4.34 -0.26
CA THR A 391 -4.59 4.16 0.32
C THR A 391 -5.38 5.46 0.28
N PHE A 392 -4.70 6.59 0.53
CA PHE A 392 -5.37 7.89 0.42
C PHE A 392 -5.80 8.17 -1.01
N GLN A 393 -4.95 7.82 -1.98
CA GLN A 393 -5.33 8.00 -3.38
C GLN A 393 -6.57 7.18 -3.72
N GLU A 394 -6.62 5.93 -3.26
CA GLU A 394 -7.80 5.11 -3.51
C GLU A 394 -9.03 5.65 -2.78
N PHE A 395 -8.83 6.21 -1.58
CA PHE A 395 -9.94 6.84 -0.86
C PHE A 395 -10.51 7.99 -1.65
N PHE A 396 -9.65 8.84 -2.20
CA PHE A 396 -10.13 9.98 -2.99
C PHE A 396 -10.76 9.51 -4.30
N ALA A 397 -10.20 8.47 -4.91
CA ALA A 397 -10.81 7.92 -6.12
C ALA A 397 -12.21 7.39 -5.83
N ALA A 398 -12.39 6.72 -4.70
CA ALA A 398 -13.72 6.26 -4.30
C ALA A 398 -14.64 7.44 -4.06
N MET A 399 -14.15 8.48 -3.39
CA MET A 399 -14.98 9.67 -3.16
C MET A 399 -15.38 10.33 -4.47
N TYR A 400 -14.56 10.17 -5.52
CA TYR A 400 -14.91 10.76 -6.81
C TYR A 400 -16.26 10.29 -7.31
N TYR A 401 -16.70 9.10 -6.91
CA TYR A 401 -17.99 8.58 -7.31
C TYR A 401 -19.14 9.18 -6.52
N LEU A 402 -18.88 9.96 -5.48
CA LEU A 402 -19.90 10.43 -4.56
C LEU A 402 -19.77 11.93 -4.33
N LEU A 403 -19.60 12.70 -5.40
CA LEU A 403 -19.58 14.16 -5.31
C LEU A 403 -20.52 14.73 -6.37
N GLU A 404 -21.35 15.67 -5.96
CA GLU A 404 -22.30 16.34 -6.84
C GLU A 404 -21.86 17.77 -7.08
N GLU A 405 -21.85 18.18 -8.34
CA GLU A 405 -21.41 19.52 -8.70
C GLU A 405 -22.52 20.54 -8.43
N SER A 422 -18.02 11.73 -11.87
CA SER A 422 -18.91 10.74 -11.27
C SER A 422 -19.31 9.67 -12.27
N ARG A 423 -18.30 8.98 -12.82
CA ARG A 423 -18.58 7.92 -13.79
C ARG A 423 -19.31 6.75 -13.12
N ASP A 424 -20.14 6.08 -13.90
CA ASP A 424 -20.99 5.02 -13.37
C ASP A 424 -20.16 3.94 -12.69
N VAL A 425 -20.61 3.51 -11.51
CA VAL A 425 -19.90 2.49 -10.75
C VAL A 425 -19.98 1.13 -11.44
N THR A 426 -20.92 0.95 -12.36
CA THR A 426 -21.05 -0.35 -13.03
C THR A 426 -19.78 -0.71 -13.79
N VAL A 427 -19.20 0.26 -14.51
CA VAL A 427 -17.95 0.00 -15.20
C VAL A 427 -16.81 -0.19 -14.21
N LEU A 428 -16.86 0.50 -13.07
CA LEU A 428 -15.85 0.29 -12.04
C LEU A 428 -15.82 -1.16 -11.59
N LEU A 429 -17.00 -1.70 -11.23
CA LEU A 429 -17.05 -3.07 -10.74
C LEU A 429 -16.70 -4.07 -11.83
N GLU A 430 -17.01 -3.76 -13.09
CA GLU A 430 -16.78 -4.73 -14.17
C GLU A 430 -15.33 -5.18 -14.22
N ASN A 431 -14.38 -4.28 -13.96
CA ASN A 431 -12.97 -4.61 -13.92
C ASN A 431 -12.49 -4.43 -12.48
N TYR A 432 -12.68 -5.47 -11.68
CA TYR A 432 -12.31 -5.47 -10.27
C TYR A 432 -11.37 -6.64 -10.02
N GLY A 433 -10.34 -6.39 -9.24
CA GLY A 433 -9.34 -7.43 -8.98
C GLY A 433 -8.39 -7.67 -10.13
N LYS A 434 -8.42 -6.83 -11.17
CA LYS A 434 -7.49 -6.97 -12.28
C LYS A 434 -6.18 -6.28 -11.96
N PHE A 435 -5.07 -6.94 -12.33
CA PHE A 435 -3.76 -6.34 -12.09
C PHE A 435 -3.59 -5.05 -12.87
N GLU A 436 -4.06 -5.02 -14.12
CA GLU A 436 -3.82 -3.86 -14.97
C GLU A 436 -4.44 -2.60 -14.39
N LYS A 437 -5.63 -2.71 -13.80
CA LYS A 437 -6.36 -1.56 -13.30
C LYS A 437 -6.05 -1.25 -11.85
N GLY A 438 -5.05 -1.90 -11.25
CA GLY A 438 -4.72 -1.66 -9.86
C GLY A 438 -5.56 -2.43 -8.87
N TYR A 439 -6.36 -3.39 -9.34
CA TYR A 439 -7.14 -4.29 -8.50
C TYR A 439 -8.35 -3.60 -7.88
N LEU A 440 -8.43 -2.28 -7.98
CA LEU A 440 -9.60 -1.53 -7.52
C LEU A 440 -10.15 -2.06 -6.20
N ILE A 441 -9.27 -2.50 -5.31
CA ILE A 441 -9.72 -3.14 -4.07
C ILE A 441 -10.16 -2.10 -3.05
N PHE A 442 -9.25 -1.21 -2.66
CA PHE A 442 -9.57 -0.20 -1.67
C PHE A 442 -10.63 0.77 -2.20
N VAL A 443 -10.73 0.91 -3.52
CA VAL A 443 -11.75 1.80 -4.08
C VAL A 443 -13.14 1.28 -3.73
N VAL A 444 -13.37 -0.01 -3.96
CA VAL A 444 -14.68 -0.60 -3.69
C VAL A 444 -14.97 -0.58 -2.19
N ARG A 445 -13.98 -0.95 -1.37
CA ARG A 445 -14.18 -0.95 0.07
C ARG A 445 -14.52 0.45 0.58
N PHE A 446 -13.79 1.45 0.10
CA PHE A 446 -14.00 2.81 0.58
C PHE A 446 -15.31 3.39 0.07
N LEU A 447 -15.75 3.03 -1.13
CA LEU A 447 -17.05 3.49 -1.58
C LEU A 447 -18.19 2.71 -0.94
N PHE A 448 -17.91 1.50 -0.44
CA PHE A 448 -18.86 0.83 0.44
C PHE A 448 -19.01 1.61 1.74
N GLY A 449 -17.89 1.97 2.35
CA GLY A 449 -17.95 2.70 3.60
C GLY A 449 -18.55 4.08 3.47
N LEU A 450 -18.21 4.79 2.39
CA LEU A 450 -18.59 6.20 2.25
C LEU A 450 -20.05 6.39 1.90
N VAL A 451 -20.74 5.35 1.41
CA VAL A 451 -22.09 5.51 0.89
C VAL A 451 -23.16 5.30 1.95
N ASN A 452 -22.82 4.72 3.10
CA ASN A 452 -23.83 4.41 4.11
C ASN A 452 -24.53 5.68 4.57
N GLN A 453 -25.86 5.64 4.62
CA GLN A 453 -26.64 6.82 4.95
C GLN A 453 -26.54 7.16 6.44
N GLU A 454 -26.32 6.17 7.30
CA GLU A 454 -26.23 6.44 8.72
C GLU A 454 -25.08 7.40 9.02
N ARG A 455 -23.93 7.17 8.41
CA ARG A 455 -22.77 8.03 8.59
C ARG A 455 -22.81 9.19 7.59
N SER A 457 -21.03 15.90 10.94
CA SER A 457 -19.92 15.97 10.01
C SER A 457 -20.21 16.95 8.88
N TYR A 458 -19.34 17.93 8.71
CA TYR A 458 -19.50 18.89 7.63
C TYR A 458 -19.40 18.23 6.25
N LEU A 459 -18.72 17.10 6.15
CA LEU A 459 -18.50 16.47 4.85
C LEU A 459 -19.74 15.78 4.33
N GLU A 460 -20.54 15.19 5.21
CA GLU A 460 -21.71 14.45 4.76
C GLU A 460 -22.69 15.34 4.00
N LYS A 461 -22.62 16.65 4.20
CA LYS A 461 -23.41 17.57 3.39
C LYS A 461 -22.83 17.72 1.98
N LYS A 462 -21.58 17.32 1.78
CA LYS A 462 -20.95 17.49 0.47
C LYS A 462 -21.20 16.28 -0.43
N LEU A 463 -20.95 15.07 0.06
CA LEU A 463 -21.13 13.88 -0.76
C LEU A 463 -22.57 13.80 -1.26
N SER A 464 -22.72 13.42 -2.53
CA SER A 464 -24.03 13.38 -3.16
C SER A 464 -24.93 12.37 -2.46
N CYS A 465 -26.23 12.70 -2.39
CA CYS A 465 -27.19 11.86 -1.70
C CYS A 465 -27.97 10.96 -2.67
N LYS A 466 -28.53 11.53 -3.73
CA LYS A 466 -29.36 10.73 -4.63
C LYS A 466 -28.54 9.64 -5.30
N ILE A 467 -27.36 9.99 -5.83
CA ILE A 467 -26.56 9.00 -6.55
C ILE A 467 -26.26 7.81 -5.66
N SER A 468 -26.01 8.07 -4.37
CA SER A 468 -25.81 6.99 -3.41
C SER A 468 -26.81 5.87 -3.66
N GLN A 469 -28.10 6.20 -3.61
CA GLN A 469 -29.14 5.21 -3.83
C GLN A 469 -28.75 4.28 -4.99
N GLN A 470 -28.57 4.86 -6.18
CA GLN A 470 -28.27 4.04 -7.35
C GLN A 470 -27.07 3.15 -7.08
N ILE A 471 -25.95 3.74 -6.68
CA ILE A 471 -24.76 2.92 -6.45
C ILE A 471 -25.05 1.88 -5.39
N ARG A 472 -25.73 2.28 -4.31
CA ARG A 472 -26.14 1.31 -3.31
C ARG A 472 -26.77 0.10 -3.97
N LEU A 473 -27.82 0.33 -4.76
CA LEU A 473 -28.49 -0.79 -5.41
C LEU A 473 -27.49 -1.63 -6.19
N GLU A 474 -26.66 -0.98 -7.00
CA GLU A 474 -25.71 -1.73 -7.82
C GLU A 474 -24.82 -2.59 -6.93
N LEU A 475 -24.33 -2.02 -5.83
CA LEU A 475 -23.49 -2.80 -4.92
C LEU A 475 -24.21 -4.08 -4.51
N LEU A 476 -25.47 -3.95 -4.11
CA LEU A 476 -26.25 -5.14 -3.75
C LEU A 476 -26.21 -6.17 -4.86
N LYS A 477 -26.49 -5.73 -6.09
CA LYS A 477 -26.46 -6.67 -7.22
C LYS A 477 -25.10 -7.34 -7.32
N TRP A 478 -24.03 -6.57 -7.19
CA TRP A 478 -22.69 -7.16 -7.21
C TRP A 478 -22.61 -8.30 -6.22
N ILE A 479 -23.07 -8.07 -4.99
CA ILE A 479 -23.02 -9.11 -3.97
C ILE A 479 -23.75 -10.35 -4.47
N GLU A 480 -24.96 -10.16 -5.01
CA GLU A 480 -25.75 -11.30 -5.47
C GLU A 480 -24.97 -12.17 -6.44
N VAL A 481 -24.11 -11.55 -7.25
CA VAL A 481 -23.40 -12.32 -8.26
C VAL A 481 -22.10 -12.91 -7.71
N LYS A 482 -21.53 -12.29 -6.68
CA LYS A 482 -20.21 -12.69 -6.21
C LYS A 482 -20.27 -13.71 -5.07
N ALA A 483 -21.46 -13.97 -4.51
CA ALA A 483 -21.60 -14.98 -3.49
C ALA A 483 -21.94 -16.35 -4.06
N LYS A 484 -22.53 -16.39 -5.25
CA LYS A 484 -22.83 -17.65 -5.93
C LYS A 484 -21.57 -18.18 -6.61
N ALA A 485 -20.53 -18.34 -5.81
CA ALA A 485 -19.22 -18.78 -6.29
C ALA A 485 -18.29 -18.97 -5.10
N LYS A 486 -17.06 -19.42 -5.37
CA LYS A 486 -16.05 -19.50 -4.33
C LYS A 486 -14.74 -18.97 -4.89
N LYS A 487 -13.95 -18.35 -4.01
CA LYS A 487 -12.67 -17.77 -4.40
C LYS A 487 -11.80 -17.72 -3.16
N LEU A 488 -10.50 -17.92 -3.34
CA LEU A 488 -9.55 -17.90 -2.23
C LEU A 488 -8.60 -16.71 -2.28
N GLN A 489 -7.96 -16.49 -3.41
CA GLN A 489 -7.10 -15.28 -3.55
C GLN A 489 -7.47 -14.52 -4.82
N ILE A 490 -8.24 -15.07 -5.75
CA ILE A 490 -8.82 -14.24 -6.82
C ILE A 490 -9.62 -13.35 -5.91
N GLN A 491 -9.70 -12.08 -6.14
CA GLN A 491 -10.04 -11.15 -5.07
C GLN A 491 -11.38 -11.14 -4.37
N PRO A 492 -12.56 -11.30 -4.94
CA PRO A 492 -13.74 -11.10 -4.13
C PRO A 492 -13.95 -12.39 -3.30
N SER A 493 -13.12 -12.67 -2.27
CA SER A 493 -13.14 -13.84 -1.37
C SER A 493 -14.32 -13.68 -0.44
N GLN A 494 -14.81 -14.66 0.30
CA GLN A 494 -15.97 -14.41 1.19
C GLN A 494 -15.60 -13.42 2.27
N LEU A 495 -14.41 -13.52 2.81
CA LEU A 495 -13.92 -12.64 3.90
C LEU A 495 -13.91 -11.24 3.38
N GLU A 496 -13.35 -10.98 2.23
CA GLU A 496 -13.32 -9.64 1.62
C GLU A 496 -14.74 -9.15 1.33
N LEU A 497 -15.67 -9.97 0.90
CA LEU A 497 -17.09 -9.58 0.67
C LEU A 497 -17.63 -9.13 2.03
N PHE A 498 -17.19 -9.74 3.14
CA PHE A 498 -17.59 -9.38 4.53
C PHE A 498 -16.90 -8.10 4.97
N TYR A 499 -15.56 -7.95 4.89
CA TYR A 499 -14.88 -6.69 5.19
C TYR A 499 -15.63 -5.51 4.58
N CYS A 500 -16.01 -5.64 3.31
CA CYS A 500 -16.73 -4.56 2.65
C CYS A 500 -18.04 -4.25 3.36
N LEU A 501 -18.77 -5.29 3.75
CA LEU A 501 -20.01 -5.07 4.49
C LEU A 501 -19.73 -4.41 5.84
N TYR A 502 -18.68 -4.87 6.53
CA TYR A 502 -18.34 -4.29 7.83
C TYR A 502 -18.12 -2.79 7.70
N GLU A 503 -17.45 -2.37 6.63
CA GLU A 503 -17.28 -0.94 6.41
C GLU A 503 -18.62 -0.23 6.34
N MET A 504 -19.65 -0.91 5.83
CA MET A 504 -21.00 -0.35 5.75
C MET A 504 -21.78 -0.88 6.96
N GLN A 505 -21.76 -0.12 8.04
CA GLN A 505 -22.34 -0.57 9.30
C GLN A 505 -23.83 -0.80 9.22
N GLU A 506 -24.53 -0.13 8.29
CA GLU A 506 -25.99 -0.18 8.24
C GLU A 506 -26.51 -1.59 8.39
N GLU A 507 -27.34 -1.80 9.43
CA GLU A 507 -27.83 -3.14 9.72
C GLU A 507 -28.71 -3.67 8.61
N ASP A 508 -29.57 -2.82 8.04
CA ASP A 508 -30.50 -3.28 7.00
C ASP A 508 -29.74 -3.80 5.78
N PHE A 509 -28.77 -3.02 5.30
CA PHE A 509 -28.00 -3.43 4.14
C PHE A 509 -27.21 -4.70 4.42
N VAL A 510 -26.60 -4.79 5.62
CA VAL A 510 -25.82 -5.97 5.95
C VAL A 510 -26.71 -7.21 5.98
N GLN A 511 -27.90 -7.09 6.56
CA GLN A 511 -28.83 -8.22 6.59
C GLN A 511 -29.22 -8.64 5.18
N ARG A 512 -29.62 -7.68 4.35
CA ARG A 512 -30.06 -8.03 3.00
C ARG A 512 -28.92 -8.64 2.19
N ALA A 513 -27.71 -8.14 2.34
CA ALA A 513 -26.57 -8.71 1.62
C ALA A 513 -26.25 -10.11 2.13
N MET A 514 -26.27 -10.30 3.45
CA MET A 514 -25.99 -11.61 4.02
C MET A 514 -27.04 -12.64 3.62
N ASP A 515 -28.24 -12.18 3.25
CA ASP A 515 -29.26 -13.13 2.80
C ASP A 515 -28.81 -13.98 1.62
N TYR A 516 -27.68 -13.67 1.00
CA TYR A 516 -27.18 -14.39 -0.17
C TYR A 516 -26.02 -15.34 0.16
N PHE A 517 -26.04 -15.93 1.35
CA PHE A 517 -24.99 -16.87 1.78
C PHE A 517 -25.65 -18.14 2.31
N PRO A 518 -26.12 -19.02 1.42
CA PRO A 518 -26.65 -20.31 1.89
C PRO A 518 -25.64 -21.09 2.72
N LYS A 519 -24.36 -21.02 2.36
CA LYS A 519 -23.29 -21.64 3.14
C LYS A 519 -22.15 -20.64 3.29
N ILE A 520 -21.41 -20.77 4.39
CA ILE A 520 -20.34 -19.83 4.73
C ILE A 520 -19.08 -20.62 5.03
N GLU A 521 -17.97 -20.21 4.42
CA GLU A 521 -16.65 -20.69 4.77
C GLU A 521 -15.72 -19.50 4.88
N ILE A 522 -14.87 -19.50 5.91
CA ILE A 522 -14.00 -18.37 6.19
C ILE A 522 -12.73 -18.89 6.86
N ASN A 523 -11.61 -18.26 6.54
CA ASN A 523 -10.33 -18.52 7.19
C ASN A 523 -9.95 -17.29 8.00
N LEU A 524 -9.72 -17.48 9.30
CA LEU A 524 -9.48 -16.39 10.23
C LEU A 524 -8.05 -16.47 10.73
N SER A 525 -7.32 -15.35 10.66
CA SER A 525 -5.92 -15.33 11.05
C SER A 525 -5.54 -14.13 11.92
N THR A 526 -6.42 -13.16 12.15
CA THR A 526 -6.11 -12.02 13.00
C THR A 526 -7.30 -11.78 13.91
N ARG A 527 -7.24 -10.69 14.67
CA ARG A 527 -8.33 -10.32 15.57
C ARG A 527 -9.37 -9.46 14.86
N MET A 528 -8.91 -8.55 13.99
CA MET A 528 -9.85 -7.83 13.14
C MET A 528 -10.60 -8.80 12.24
N ASP A 529 -9.91 -9.84 11.76
CA ASP A 529 -10.58 -10.90 11.03
C ASP A 529 -11.75 -11.46 11.83
N HIS A 530 -11.50 -11.82 13.09
CA HIS A 530 -12.54 -12.40 13.93
C HIS A 530 -13.67 -11.42 14.16
N MET A 531 -13.35 -10.15 14.40
CA MET A 531 -14.40 -9.17 14.64
C MET A 531 -15.30 -9.03 13.42
N VAL A 532 -14.69 -8.90 12.23
CA VAL A 532 -15.49 -8.72 11.02
C VAL A 532 -16.34 -9.96 10.76
N SER A 533 -15.75 -11.15 10.92
CA SER A 533 -16.50 -12.38 10.69
C SER A 533 -17.67 -12.48 11.66
N SER A 534 -17.44 -12.16 12.94
CA SER A 534 -18.51 -12.24 13.92
C SER A 534 -19.61 -11.23 13.64
N PHE A 535 -19.23 -10.00 13.25
CA PHE A 535 -20.25 -9.00 12.94
C PHE A 535 -21.10 -9.45 11.77
N CYS A 536 -20.47 -9.97 10.71
CA CYS A 536 -21.23 -10.45 9.57
C CYS A 536 -22.12 -11.64 9.95
N ILE A 537 -21.60 -12.56 10.75
CA ILE A 537 -22.35 -13.77 11.10
C ILE A 537 -23.56 -13.42 11.96
N GLU A 538 -23.40 -12.48 12.91
CA GLU A 538 -24.49 -12.15 13.81
C GLU A 538 -25.75 -11.79 13.04
N ASN A 539 -25.61 -11.05 11.94
CA ASN A 539 -26.74 -10.68 11.11
C ASN A 539 -27.08 -11.73 10.06
N CYS A 540 -26.33 -12.84 10.02
CA CYS A 540 -26.48 -13.83 8.95
C CYS A 540 -27.39 -14.98 9.32
N HIS A 541 -28.07 -14.92 10.47
CA HIS A 541 -28.94 -16.02 10.86
C HIS A 541 -30.04 -16.28 9.84
N ARG A 542 -30.35 -15.31 8.99
CA ARG A 542 -31.38 -15.38 7.96
C ARG A 542 -32.79 -15.35 8.53
N VAL A 543 -32.94 -15.31 9.85
CA VAL A 543 -34.26 -15.32 10.49
C VAL A 543 -35.10 -16.50 9.99
MG MG B . 4.98 0.82 -0.29
PB ADP C . 3.44 0.06 2.61
O1B ADP C . 2.04 0.36 3.07
O2B ADP C . 4.22 -0.83 3.54
O3B ADP C . 3.54 -0.33 1.16
PA ADP C . 4.78 2.14 4.01
O1A ADP C . 5.27 1.06 4.93
O2A ADP C . 5.76 3.21 3.59
O3A ADP C . 4.19 1.49 2.66
O5' ADP C . 3.55 2.90 4.72
C5' ADP C . 2.87 2.31 5.82
C4' ADP C . 2.66 3.37 6.91
O4' ADP C . 2.85 2.77 8.20
C3' ADP C . 3.67 4.49 6.79
O3' ADP C . 3.00 5.72 6.50
C2' ADP C . 4.36 4.60 8.14
O2' ADP C . 4.13 5.89 8.70
C1' ADP C . 3.74 3.52 9.01
N9 ADP C . 4.79 2.62 9.53
C8 ADP C . 5.05 1.40 9.04
N7 ADP C . 6.06 0.80 9.72
C5 ADP C . 6.47 1.66 10.66
C6 ADP C . 7.50 1.65 11.72
N6 ADP C . 8.31 0.57 11.88
N1 ADP C . 7.61 2.74 12.51
C2 ADP C . 6.81 3.80 12.33
N3 ADP C . 5.85 3.88 11.39
C4 ADP C . 5.63 2.85 10.54
C5 WTN D . -7.53 -9.45 4.88
C7 WTN D . -6.48 -7.69 3.64
C8 WTN D . -5.26 -7.47 3.17
C9 WTN D . -4.47 -8.41 3.52
N2 WTN D . -8.86 -10.51 3.33
C3 WTN D . -8.79 -9.40 4.24
C1 WTN D . -9.45 -11.63 4.05
N6 WTN D . -6.49 -8.91 4.32
N10 WTN D . -5.06 -9.34 4.19
S11 WTN D . -4.70 -6.00 2.25
O12 WTN D . -3.63 -6.08 1.31
O13 WTN D . -6.06 -5.85 1.82
N14 WTN D . -4.58 -4.82 3.17
C15 WTN D . -5.66 -4.29 3.99
O16 WTN D . -6.85 -4.64 4.01
N17 WTN D . -5.17 -3.20 4.82
C18 WTN D . -5.94 -2.44 5.78
C19 WTN D . -6.83 -3.14 6.82
C20 WTN D . -7.52 -2.46 7.76
C21 WTN D . -7.40 -0.95 7.85
C22 WTN D . -6.50 -0.26 6.86
C23 WTN D . -5.79 -0.93 5.90
C24 WTN D . -5.00 0.10 5.10
C25 WTN D . -5.03 1.34 5.92
C26 WTN D . -6.23 1.25 6.78
C27 WTN D . -8.36 -3.43 8.61
C28 WTN D . -7.62 -4.72 8.40
C29 WTN D . -7.15 -4.64 6.97
O30 WTN D . -7.77 -7.04 3.60
C31 WTN D . -8.90 -8.06 3.37
#